data_5FPU
#
_entry.id   5FPU
#
_cell.length_a   141.660
_cell.length_b   141.660
_cell.length_c   151.980
_cell.angle_alpha   90.00
_cell.angle_beta   90.00
_cell.angle_gamma   120.00
#
_symmetry.space_group_name_H-M   'P 65 2 2'
#
loop_
_entity.id
_entity.type
_entity.pdbx_description
1 polymer 'LYSINE-SPECIFIC DEMETHYLASE 5B'
2 non-polymer 'ZINC ION'
3 non-polymer '3-[[2-pyridin-2-yl-6-(1,2,4,5-tetrahydro-3-benzazepin-3-yl)pyrimidin-4-yl]amino]propanoic acid'
4 non-polymer 'MANGANESE (II) ION'
5 non-polymer 'PHOSPHATE ION'
6 non-polymer '4-(2-HYDROXYETHYL)-1-PIPERAZINE ETHANESULFONIC ACID'
7 non-polymer 1,2-ETHANEDIOL
8 water water
#
_entity_poly.entity_id   1
_entity_poly.type   'polypeptide(L)'
_entity_poly.pdbx_seq_one_letter_code
;SMFLPPPECPVFEPSWEEFADPFAFIHKIRPIAEQTGICKVRPPPDWQPPFACDVDKLHFTPRIQRLNELEAQTRVKLGG
GGARDYTLRTFGEMADAFKSDYFNMPVHMVPTELVEKEFWRLVSTIEEDVTVEYGADIASKEFGSGFPVRDGKIKLSPEE
EEYLDSGWNLNNMPVMEQSVLAHITADICGMKLPWLYVGMCFSSFCWHIEDHWSYSINYLHWGEPKTWYGVPGYAAEQLE
NVMKKLAPELFVSQPDLLHQLVTIMNPNTLMTHEVPVYRTNQCAGEFVITFPRAYHSGFNQGFNFAEAVNFCTVDWLPLG
RQCVEHYRLLHRYCVFSHDEMICKMASKADVLDVVVASTVQKDMAIMIEDEKALRETVRKLGVIDSERMDFELLPDDERQ
CVKCKTTCFMSAISCSCKPGLLVCLHHVKELCSCPPYKYKLRYRYTLDDLYPMMNALKLRAESYNEWALNVNEALEAKIN
K
;
_entity_poly.pdbx_strand_id   A
#
# COMPACT_ATOMS: atom_id res chain seq x y z
N SER A 1 -7.07 -15.04 -28.71
CA SER A 1 -7.00 -16.49 -28.68
C SER A 1 -6.09 -16.96 -27.56
N MET A 2 -4.80 -16.69 -27.72
N MET A 2 -4.80 -16.67 -27.67
CA MET A 2 -3.82 -17.01 -26.67
CA MET A 2 -3.85 -17.06 -26.63
C MET A 2 -4.05 -16.08 -25.49
C MET A 2 -3.88 -16.06 -25.46
N PHE A 3 -4.06 -14.78 -25.78
CA PHE A 3 -4.28 -13.78 -24.74
C PHE A 3 -5.34 -12.77 -25.17
N LEU A 4 -6.41 -12.69 -24.39
CA LEU A 4 -7.47 -11.72 -24.64
C LEU A 4 -7.35 -10.59 -23.62
N PRO A 5 -6.95 -9.40 -24.08
CA PRO A 5 -6.79 -8.23 -23.21
C PRO A 5 -8.07 -7.90 -22.45
N PRO A 6 -7.97 -7.75 -21.13
CA PRO A 6 -9.12 -7.33 -20.30
C PRO A 6 -9.68 -6.00 -20.77
N PRO A 7 -10.94 -5.70 -20.43
CA PRO A 7 -11.50 -4.39 -20.79
C PRO A 7 -10.73 -3.25 -20.15
N GLU A 8 -10.78 -2.07 -20.76
CA GLU A 8 -10.06 -0.91 -20.25
C GLU A 8 -10.69 -0.38 -18.97
N CYS A 9 -9.84 0.05 -18.03
CA CYS A 9 -10.32 0.67 -16.80
C CYS A 9 -10.74 2.10 -17.11
N PRO A 10 -11.51 2.73 -16.21
CA PRO A 10 -11.93 4.13 -16.43
C PRO A 10 -10.76 5.10 -16.57
N VAL A 11 -10.90 6.07 -17.46
CA VAL A 11 -9.92 7.13 -17.61
C VAL A 11 -10.58 8.48 -17.36
N PHE A 12 -10.04 9.24 -16.42
CA PHE A 12 -10.62 10.54 -16.08
C PHE A 12 -9.74 11.69 -16.56
N GLU A 13 -10.40 12.74 -17.03
CA GLU A 13 -9.70 13.95 -17.45
C GLU A 13 -10.30 15.16 -16.75
N PRO A 14 -9.95 15.36 -15.47
CA PRO A 14 -10.53 16.43 -14.65
C PRO A 14 -10.18 17.82 -15.17
N SER A 15 -11.11 18.75 -15.02
CA SER A 15 -10.84 20.15 -15.30
C SER A 15 -9.93 20.71 -14.21
N TRP A 16 -9.44 21.93 -14.40
CA TRP A 16 -8.56 22.55 -13.41
C TRP A 16 -9.25 22.69 -12.06
N GLU A 17 -10.54 23.02 -12.09
CA GLU A 17 -11.33 23.15 -10.87
C GLU A 17 -11.44 21.82 -10.14
N GLU A 18 -11.69 20.76 -10.89
CA GLU A 18 -11.77 19.41 -10.33
C GLU A 18 -10.41 18.95 -9.83
N PHE A 19 -9.37 19.24 -10.60
CA PHE A 19 -8.02 18.75 -10.33
C PHE A 19 -7.37 19.41 -9.12
N ALA A 20 -7.82 20.63 -8.81
CA ALA A 20 -7.23 21.44 -7.74
C ALA A 20 -7.15 20.70 -6.41
N ASP A 21 -8.25 20.05 -6.03
CA ASP A 21 -8.29 19.28 -4.80
C ASP A 21 -8.33 17.79 -5.12
N PRO A 22 -7.20 17.09 -4.94
CA PRO A 22 -7.08 15.67 -5.27
C PRO A 22 -8.04 14.79 -4.46
N PHE A 23 -8.21 15.09 -3.18
CA PHE A 23 -9.05 14.28 -2.32
C PHE A 23 -10.54 14.42 -2.67
N ALA A 24 -10.94 15.61 -3.08
CA ALA A 24 -12.32 15.83 -3.49
C ALA A 24 -12.61 15.10 -4.80
N PHE A 25 -11.63 15.11 -5.69
CA PHE A 25 -11.77 14.46 -6.99
C PHE A 25 -11.81 12.95 -6.86
N ILE A 26 -10.95 12.41 -6.01
CA ILE A 26 -10.89 10.97 -5.77
C ILE A 26 -12.20 10.48 -5.17
N HIS A 27 -12.76 11.26 -4.24
CA HIS A 27 -14.05 10.95 -3.64
C HIS A 27 -15.16 10.98 -4.69
N LYS A 28 -15.03 11.87 -5.67
CA LYS A 28 -16.03 12.02 -6.70
C LYS A 28 -16.05 10.82 -7.66
N ILE A 29 -14.87 10.35 -8.03
CA ILE A 29 -14.76 9.25 -9.00
C ILE A 29 -14.89 7.89 -8.34
N ARG A 30 -14.92 7.87 -7.01
CA ARG A 30 -14.94 6.62 -6.24
C ARG A 30 -16.07 5.65 -6.61
N PRO A 31 -17.31 6.14 -6.78
CA PRO A 31 -18.37 5.18 -7.15
C PRO A 31 -18.09 4.44 -8.46
N ILE A 32 -17.44 5.11 -9.41
CA ILE A 32 -17.08 4.50 -10.67
C ILE A 32 -15.86 3.60 -10.54
N ALA A 33 -14.79 4.16 -9.97
CA ALA A 33 -13.49 3.51 -9.98
C ALA A 33 -13.36 2.33 -9.01
N GLU A 34 -14.13 2.34 -7.93
CA GLU A 34 -14.06 1.25 -6.96
C GLU A 34 -14.68 -0.02 -7.52
N GLN A 35 -15.39 0.11 -8.63
CA GLN A 35 -16.00 -1.03 -9.32
C GLN A 35 -14.98 -1.71 -10.24
N THR A 36 -13.86 -1.03 -10.48
CA THR A 36 -12.84 -1.53 -11.38
C THR A 36 -11.49 -1.73 -10.68
N GLY A 37 -11.39 -1.25 -9.45
CA GLY A 37 -10.18 -1.41 -8.67
C GLY A 37 -9.13 -0.37 -8.98
N ILE A 38 -8.83 -0.19 -10.26
CA ILE A 38 -7.88 0.83 -10.69
C ILE A 38 -8.53 1.81 -11.66
N CYS A 39 -7.96 3.00 -11.76
CA CYS A 39 -8.38 3.97 -12.76
C CYS A 39 -7.21 4.84 -13.14
N LYS A 40 -7.31 5.49 -14.30
CA LYS A 40 -6.24 6.35 -14.77
C LYS A 40 -6.70 7.81 -14.76
N VAL A 41 -5.79 8.71 -14.42
CA VAL A 41 -6.11 10.13 -14.37
C VAL A 41 -5.16 10.95 -15.24
N ARG A 42 -5.71 11.59 -16.26
CA ARG A 42 -4.93 12.52 -17.07
C ARG A 42 -5.07 13.94 -16.52
N PRO A 43 -3.97 14.50 -15.99
CA PRO A 43 -3.99 15.86 -15.48
C PRO A 43 -4.27 16.86 -16.59
N PRO A 44 -4.73 18.08 -16.24
CA PRO A 44 -4.89 19.16 -17.22
C PRO A 44 -3.61 19.34 -18.04
N PRO A 45 -3.75 19.63 -19.35
CA PRO A 45 -2.63 19.67 -20.29
C PRO A 45 -1.47 20.55 -19.84
N ASP A 46 -1.76 21.62 -19.12
CA ASP A 46 -0.72 22.55 -18.71
C ASP A 46 -0.11 22.19 -17.36
N TRP A 47 -0.74 21.27 -16.63
CA TRP A 47 -0.12 20.77 -15.40
C TRP A 47 1.06 19.89 -15.76
N GLN A 48 2.24 20.48 -15.83
CA GLN A 48 3.43 19.78 -16.27
C GLN A 48 4.58 19.97 -15.29
N PRO A 49 4.67 19.08 -14.29
CA PRO A 49 5.79 19.15 -13.33
C PRO A 49 7.12 18.91 -14.02
N PRO A 50 8.11 19.79 -13.78
CA PRO A 50 9.40 19.65 -14.44
C PRO A 50 10.19 18.47 -13.91
N PHE A 51 10.81 17.71 -14.81
CA PHE A 51 11.68 16.63 -14.39
C PHE A 51 13.11 16.91 -14.82
N ALA A 52 14.00 16.99 -13.83
CA ALA A 52 15.41 17.24 -14.11
C ALA A 52 16.29 16.38 -13.21
N CYS A 53 17.24 15.67 -13.81
CA CYS A 53 18.16 14.84 -13.07
C CYS A 53 19.42 14.55 -13.89
N ASP A 54 20.54 14.34 -13.20
CA ASP A 54 21.76 13.89 -13.85
C ASP A 54 21.75 12.37 -13.90
N VAL A 55 21.70 11.83 -15.11
CA VAL A 55 21.59 10.38 -15.29
C VAL A 55 22.87 9.66 -14.88
N ASP A 56 23.95 10.41 -14.70
CA ASP A 56 25.24 9.83 -14.34
C ASP A 56 25.47 9.83 -12.83
N LYS A 57 24.75 10.68 -12.11
CA LYS A 57 24.97 10.83 -10.68
C LYS A 57 23.95 10.08 -9.85
N LEU A 58 22.87 9.64 -10.49
CA LEU A 58 21.87 8.83 -9.80
C LEU A 58 22.24 7.35 -9.89
N HIS A 59 22.65 6.77 -8.77
CA HIS A 59 23.01 5.36 -8.67
CA HIS A 59 22.95 5.35 -8.76
C HIS A 59 21.96 4.58 -7.90
N PHE A 60 21.76 3.32 -8.24
CA PHE A 60 20.87 2.45 -7.46
C PHE A 60 21.23 0.98 -7.67
N THR A 61 20.96 0.18 -6.65
CA THR A 61 21.22 -1.25 -6.72
C THR A 61 20.04 -1.99 -7.35
N PRO A 62 20.27 -2.65 -8.48
CA PRO A 62 19.21 -3.35 -9.22
C PRO A 62 18.81 -4.67 -8.56
N ARG A 63 17.54 -5.02 -8.67
CA ARG A 63 17.06 -6.32 -8.23
C ARG A 63 16.79 -7.20 -9.44
N ILE A 64 17.22 -8.45 -9.37
CA ILE A 64 17.08 -9.39 -10.47
C ILE A 64 15.74 -10.12 -10.38
N GLN A 65 15.08 -10.29 -11.52
CA GLN A 65 13.73 -10.85 -11.54
C GLN A 65 13.54 -11.92 -12.60
N ARG A 66 13.19 -13.12 -12.17
CA ARG A 66 12.82 -14.20 -13.08
C ARG A 66 11.35 -14.05 -13.47
N LEU A 67 11.05 -14.35 -14.73
CA LEU A 67 9.70 -14.14 -15.25
C LEU A 67 8.98 -15.46 -15.53
N ASN A 68 8.51 -16.10 -14.47
CA ASN A 68 7.76 -17.34 -14.59
C ASN A 68 6.41 -17.24 -13.89
N GLU A 69 5.34 -17.56 -14.61
CA GLU A 69 4.00 -17.51 -14.05
C GLU A 69 3.88 -18.49 -12.89
N LEU A 70 3.16 -18.07 -11.85
CA LEU A 70 2.88 -18.88 -10.66
C LEU A 70 4.12 -19.15 -9.80
N GLU A 71 5.27 -18.60 -10.17
CA GLU A 71 6.48 -18.75 -9.37
C GLU A 71 6.50 -17.71 -8.25
N ALA A 72 6.92 -18.12 -7.07
CA ALA A 72 6.88 -17.26 -5.89
C ALA A 72 7.96 -16.18 -5.93
N GLN A 73 7.55 -14.96 -5.62
CA GLN A 73 8.48 -13.84 -5.44
C GLN A 73 8.17 -13.15 -4.12
N THR A 74 9.19 -12.54 -3.50
CA THR A 74 8.99 -11.85 -2.23
C THR A 74 8.22 -10.55 -2.44
N ARG A 75 7.25 -10.30 -1.58
CA ARG A 75 6.36 -9.14 -1.71
C ARG A 75 7.10 -7.81 -1.55
N VAL A 76 8.04 -7.77 -0.60
CA VAL A 76 8.82 -6.56 -0.36
C VAL A 76 10.20 -6.66 -0.99
N LYS A 77 10.81 -5.52 -1.27
CA LYS A 77 12.14 -5.48 -1.88
C LYS A 77 13.21 -5.96 -0.91
N ARG A 84 24.71 -5.54 -7.70
CA ARG A 84 25.67 -4.59 -8.23
C ARG A 84 25.24 -3.12 -8.10
N ASP A 85 25.50 -2.33 -9.14
CA ASP A 85 25.15 -0.91 -9.13
C ASP A 85 25.02 -0.35 -10.56
N TYR A 86 23.85 0.19 -10.88
CA TYR A 86 23.65 0.91 -12.13
C TYR A 86 23.68 2.41 -11.88
N THR A 87 24.10 3.18 -12.87
CA THR A 87 23.70 4.59 -12.93
C THR A 87 22.41 4.59 -13.73
N LEU A 88 21.67 5.69 -13.67
CA LEU A 88 20.42 5.78 -14.43
C LEU A 88 20.72 5.67 -15.93
N ARG A 89 21.86 6.17 -16.34
CA ARG A 89 22.28 6.07 -17.73
C ARG A 89 22.61 4.64 -18.12
N THR A 90 23.44 3.98 -17.32
CA THR A 90 23.87 2.63 -17.61
C THR A 90 22.70 1.64 -17.56
N PHE A 91 21.73 1.91 -16.69
CA PHE A 91 20.53 1.07 -16.65
C PHE A 91 19.71 1.30 -17.90
N GLY A 92 19.59 2.56 -18.31
CA GLY A 92 18.85 2.90 -19.50
C GLY A 92 19.45 2.25 -20.74
N GLU A 93 20.78 2.28 -20.82
CA GLU A 93 21.48 1.68 -21.95
C GLU A 93 21.32 0.17 -21.95
N MET A 94 21.32 -0.43 -20.78
CA MET A 94 21.07 -1.86 -20.65
C MET A 94 19.64 -2.19 -21.06
N ALA A 95 18.70 -1.39 -20.55
CA ALA A 95 17.29 -1.61 -20.80
C ALA A 95 16.96 -1.47 -22.28
N ASP A 96 17.42 -0.38 -22.89
CA ASP A 96 17.17 -0.13 -24.31
C ASP A 96 17.73 -1.24 -25.18
N ALA A 97 18.97 -1.65 -24.90
CA ALA A 97 19.63 -2.70 -25.66
C ALA A 97 18.89 -4.03 -25.53
N PHE A 98 18.37 -4.30 -24.34
CA PHE A 98 17.65 -5.55 -24.10
C PHE A 98 16.42 -5.68 -24.99
N LYS A 99 15.56 -4.65 -24.96
CA LYS A 99 14.31 -4.68 -25.71
C LYS A 99 14.55 -4.70 -27.21
N SER A 100 15.48 -3.87 -27.68
CA SER A 100 15.79 -3.79 -29.10
C SER A 100 16.37 -5.11 -29.60
N ASP A 101 17.16 -5.77 -28.76
CA ASP A 101 17.70 -7.08 -29.11
C ASP A 101 16.63 -8.16 -29.04
N TYR A 102 15.73 -8.03 -28.09
CA TYR A 102 14.67 -9.02 -27.88
C TYR A 102 13.74 -9.09 -29.08
N PHE A 103 13.44 -7.94 -29.66
CA PHE A 103 12.47 -7.85 -30.75
C PHE A 103 13.09 -7.58 -32.11
N ASN A 104 14.40 -7.32 -32.13
CA ASN A 104 15.12 -6.89 -33.34
C ASN A 104 14.43 -5.69 -33.97
N MET A 105 14.06 -4.72 -33.13
CA MET A 105 13.38 -3.52 -33.59
C MET A 105 13.86 -2.30 -32.82
N PRO A 106 13.73 -1.11 -33.42
CA PRO A 106 13.94 0.12 -32.66
C PRO A 106 12.98 0.15 -31.48
N VAL A 107 13.49 0.49 -30.30
CA VAL A 107 12.74 0.37 -29.05
C VAL A 107 11.36 1.02 -29.07
N HIS A 108 11.22 2.14 -29.77
CA HIS A 108 9.97 2.89 -29.77
C HIS A 108 9.03 2.48 -30.89
N MET A 109 9.35 1.38 -31.57
CA MET A 109 8.52 0.90 -32.67
C MET A 109 7.79 -0.39 -32.33
N VAL A 110 8.06 -0.93 -31.15
CA VAL A 110 7.41 -2.15 -30.71
C VAL A 110 6.03 -1.83 -30.13
N PRO A 111 4.97 -2.32 -30.79
CA PRO A 111 3.58 -2.08 -30.37
C PRO A 111 3.33 -2.56 -28.95
N THR A 112 2.55 -1.81 -28.18
CA THR A 112 2.27 -2.14 -26.79
C THR A 112 1.47 -3.44 -26.69
N GLU A 113 0.62 -3.68 -27.68
CA GLU A 113 -0.18 -4.89 -27.73
C GLU A 113 0.72 -6.12 -27.91
N LEU A 114 1.80 -5.95 -28.66
CA LEU A 114 2.73 -7.03 -28.93
C LEU A 114 3.55 -7.37 -27.69
N VAL A 115 4.03 -6.35 -26.99
CA VAL A 115 4.79 -6.55 -25.77
C VAL A 115 3.94 -7.26 -24.72
N GLU A 116 2.67 -6.86 -24.63
CA GLU A 116 1.73 -7.48 -23.72
C GLU A 116 1.51 -8.94 -24.08
N LYS A 117 1.26 -9.20 -25.36
CA LYS A 117 1.10 -10.56 -25.87
C LYS A 117 2.32 -11.41 -25.58
N GLU A 118 3.50 -10.85 -25.84
CA GLU A 118 4.74 -11.58 -25.66
C GLU A 118 5.06 -11.83 -24.19
N PHE A 119 4.73 -10.87 -23.34
CA PHE A 119 4.96 -11.02 -21.90
C PHE A 119 4.25 -12.26 -21.36
N TRP A 120 2.98 -12.39 -21.69
CA TRP A 120 2.19 -13.50 -21.17
C TRP A 120 2.54 -14.82 -21.82
N ARG A 121 3.21 -14.75 -22.97
CA ARG A 121 3.72 -15.96 -23.60
C ARG A 121 4.96 -16.46 -22.87
N LEU A 122 5.91 -15.55 -22.64
CA LEU A 122 7.20 -15.95 -22.07
C LEU A 122 7.08 -16.39 -20.61
N VAL A 123 6.16 -15.78 -19.86
CA VAL A 123 6.00 -16.16 -18.45
C VAL A 123 5.31 -17.51 -18.31
N SER A 124 4.66 -17.96 -19.38
CA SER A 124 3.94 -19.22 -19.35
C SER A 124 4.78 -20.35 -19.93
N THR A 125 5.70 -20.01 -20.83
CA THR A 125 6.54 -21.01 -21.49
C THR A 125 7.69 -21.44 -20.59
N ILE A 126 7.75 -22.73 -20.31
CA ILE A 126 8.78 -23.29 -19.43
C ILE A 126 10.18 -23.18 -20.04
N GLU A 127 10.25 -23.32 -21.36
CA GLU A 127 11.53 -23.30 -22.05
C GLU A 127 12.20 -21.93 -22.00
N GLU A 128 11.39 -20.88 -21.96
CA GLU A 128 11.91 -19.52 -21.88
C GLU A 128 12.48 -19.24 -20.49
N ASP A 129 13.72 -18.76 -20.46
CA ASP A 129 14.38 -18.43 -19.20
C ASP A 129 14.80 -16.96 -19.20
N VAL A 130 13.82 -16.08 -19.30
CA VAL A 130 14.08 -14.64 -19.37
C VAL A 130 14.17 -14.00 -17.98
N THR A 131 15.27 -13.32 -17.72
CA THR A 131 15.43 -12.57 -16.47
C THR A 131 15.66 -11.09 -16.77
N VAL A 132 15.06 -10.24 -15.96
CA VAL A 132 15.23 -8.79 -16.12
C VAL A 132 15.63 -8.15 -14.80
N GLU A 133 15.87 -6.84 -14.83
CA GLU A 133 16.25 -6.10 -13.64
C GLU A 133 15.36 -4.87 -13.48
N TYR A 134 15.31 -4.34 -12.26
CA TYR A 134 14.50 -3.16 -11.98
C TYR A 134 15.06 -2.38 -10.81
N GLY A 135 14.57 -1.16 -10.62
CA GLY A 135 14.90 -0.36 -9.46
C GLY A 135 13.68 -0.15 -8.61
N ALA A 136 13.83 -0.32 -7.30
CA ALA A 136 12.75 -0.08 -6.35
C ALA A 136 13.32 0.35 -5.02
N ASP A 137 13.07 1.61 -4.65
CA ASP A 137 13.66 2.16 -3.44
C ASP A 137 12.94 3.41 -2.95
N ILE A 138 13.04 3.64 -1.64
CA ILE A 138 12.50 4.84 -1.03
C ILE A 138 13.29 6.05 -1.52
N ALA A 139 12.71 7.24 -1.36
CA ALA A 139 13.42 8.47 -1.71
C ALA A 139 14.59 8.69 -0.75
N SER A 140 15.79 8.81 -1.31
CA SER A 140 16.98 9.06 -0.52
C SER A 140 17.80 10.17 -1.15
N LYS A 141 18.90 10.53 -0.49
CA LYS A 141 19.80 11.55 -1.02
C LYS A 141 20.60 11.03 -2.20
N GLU A 142 20.46 9.74 -2.47
CA GLU A 142 21.16 9.12 -3.59
C GLU A 142 20.17 8.90 -4.73
N PHE A 143 18.90 8.74 -4.35
CA PHE A 143 17.80 8.65 -5.31
C PHE A 143 17.13 10.01 -5.43
N GLY A 144 16.10 10.23 -4.61
CA GLY A 144 15.41 11.50 -4.58
C GLY A 144 14.15 11.54 -5.44
N SER A 145 13.12 12.17 -4.90
CA SER A 145 11.82 12.26 -5.57
C SER A 145 11.90 12.87 -6.97
N GLY A 146 11.01 12.45 -7.84
CA GLY A 146 10.91 13.02 -9.18
C GLY A 146 10.21 14.36 -9.13
N PHE A 147 9.48 14.60 -8.05
CA PHE A 147 8.80 15.87 -7.83
C PHE A 147 9.72 16.85 -7.11
N PRO A 148 9.49 18.16 -7.29
CA PRO A 148 10.27 19.18 -6.58
C PRO A 148 10.09 19.12 -5.06
N VAL A 149 11.19 19.16 -4.33
CA VAL A 149 11.15 19.21 -2.88
C VAL A 149 12.04 20.35 -2.38
N ARG A 150 11.71 20.88 -1.20
CA ARG A 150 12.49 21.98 -0.63
C ARG A 150 13.83 21.47 -0.10
N ASP A 151 14.90 22.14 -0.51
CA ASP A 151 16.26 21.73 -0.13
C ASP A 151 17.14 22.96 0.09
N GLY A 152 17.99 22.90 1.10
CA GLY A 152 18.91 24.00 1.40
C GLY A 152 19.99 24.09 0.32
N ILE A 154 19.77 23.13 -4.66
CA ILE A 154 19.58 24.07 -3.55
C ILE A 154 18.53 25.12 -3.92
N LYS A 155 18.90 26.02 -4.83
CA LYS A 155 18.00 27.06 -5.29
C LYS A 155 17.11 26.54 -6.42
N LEU A 156 15.81 26.52 -6.18
CA LEU A 156 14.85 26.00 -7.15
C LEU A 156 14.45 27.04 -8.19
N SER A 157 14.12 26.58 -9.39
CA SER A 157 13.59 27.45 -10.43
C SER A 157 12.13 27.75 -10.16
N PRO A 158 11.61 28.88 -10.68
CA PRO A 158 10.21 29.26 -10.50
C PRO A 158 9.24 28.15 -10.92
N GLU A 159 9.61 27.39 -11.94
CA GLU A 159 8.78 26.28 -12.40
C GLU A 159 8.70 25.18 -11.34
N GLU A 160 9.82 24.94 -10.67
CA GLU A 160 9.88 23.92 -9.63
C GLU A 160 9.12 24.37 -8.38
N GLU A 161 9.19 25.66 -8.09
CA GLU A 161 8.47 26.23 -6.95
C GLU A 161 6.96 26.16 -7.17
N GLU A 162 6.56 26.19 -8.44
CA GLU A 162 5.15 26.16 -8.82
C GLU A 162 4.47 24.86 -8.42
N TYR A 163 5.25 23.78 -8.31
CA TYR A 163 4.70 22.46 -8.04
C TYR A 163 5.13 21.93 -6.68
N LEU A 164 5.69 22.80 -5.85
CA LEU A 164 6.15 22.41 -4.51
C LEU A 164 5.00 22.00 -3.61
N ASP A 165 3.91 22.77 -3.64
CA ASP A 165 2.79 22.54 -2.73
C ASP A 165 1.57 21.98 -3.47
N SER A 166 1.79 21.43 -4.65
CA SER A 166 0.71 20.82 -5.41
C SER A 166 0.14 19.62 -4.68
N GLY A 167 -1.18 19.46 -4.76
CA GLY A 167 -1.84 18.33 -4.14
C GLY A 167 -1.49 17.03 -4.82
N TRP A 168 -1.00 17.11 -6.05
CA TRP A 168 -0.65 15.93 -6.82
C TRP A 168 0.86 15.69 -6.82
N ASN A 169 1.60 16.58 -6.18
CA ASN A 169 2.97 16.30 -5.81
C ASN A 169 2.92 15.22 -4.74
N LEU A 170 3.40 14.02 -5.07
CA LEU A 170 3.19 12.85 -4.22
C LEU A 170 3.86 12.96 -2.85
N ASN A 171 4.74 13.94 -2.68
CA ASN A 171 5.34 14.19 -1.38
C ASN A 171 4.35 14.88 -0.43
N ASN A 172 3.38 15.58 -1.01
CA ASN A 172 2.44 16.38 -0.23
C ASN A 172 1.15 15.64 0.15
N MET A 173 0.77 14.66 -0.67
CA MET A 173 -0.46 13.91 -0.45
C MET A 173 -0.62 13.31 0.95
N PRO A 174 0.44 12.68 1.51
CA PRO A 174 0.24 12.10 2.84
C PRO A 174 0.08 13.13 3.97
N VAL A 175 0.46 14.38 3.75
CA VAL A 175 0.45 15.36 4.84
C VAL A 175 -0.59 16.47 4.64
N MET A 176 -1.60 16.23 3.81
CA MET A 176 -2.68 17.18 3.62
C MET A 176 -3.81 16.93 4.61
N GLU A 177 -4.74 17.87 4.72
CA GLU A 177 -5.76 17.84 5.76
C GLU A 177 -6.79 16.72 5.60
N GLN A 178 -7.07 16.33 4.37
CA GLN A 178 -8.10 15.33 4.10
C GLN A 178 -7.57 13.91 4.18
N SER A 179 -6.28 13.77 4.43
CA SER A 179 -5.68 12.46 4.64
C SER A 179 -5.56 12.17 6.14
N VAL A 180 -5.79 10.92 6.51
CA VAL A 180 -5.84 10.56 7.93
C VAL A 180 -4.46 10.23 8.50
N LEU A 181 -3.45 10.24 7.64
CA LEU A 181 -2.08 10.00 8.10
C LEU A 181 -1.31 11.31 8.19
N ALA A 182 -2.04 12.39 8.51
CA ALA A 182 -1.45 13.72 8.61
C ALA A 182 -0.62 13.86 9.88
N HIS A 183 -1.17 13.39 11.00
CA HIS A 183 -0.54 13.60 12.30
C HIS A 183 -0.06 12.30 12.95
N ILE A 184 0.20 11.28 12.13
CA ILE A 184 0.64 10.00 12.67
C ILE A 184 2.11 10.05 13.09
N THR A 185 2.40 9.49 14.28
CA THR A 185 3.71 9.62 14.90
C THR A 185 4.72 8.53 14.53
N ALA A 186 4.36 7.27 14.80
CA ALA A 186 5.27 6.14 14.58
C ALA A 186 5.80 6.13 13.15
N ASP A 187 7.06 5.78 12.99
CA ASP A 187 7.67 5.81 11.67
C ASP A 187 7.28 4.58 10.85
N ILE A 188 6.46 4.82 9.85
CA ILE A 188 6.08 3.80 8.90
C ILE A 188 6.51 4.24 7.50
N CYS A 189 7.82 4.43 7.35
CA CYS A 189 8.42 5.01 6.15
C CYS A 189 7.85 4.48 4.84
N GLY A 190 7.40 3.23 4.84
CA GLY A 190 6.80 2.65 3.66
C GLY A 190 5.44 3.23 3.29
N MET A 191 4.82 3.95 4.20
CA MET A 191 3.43 4.38 4.00
C MET A 191 3.21 5.90 3.99
N LYS A 192 4.28 6.68 4.07
CA LYS A 192 4.14 8.13 3.92
C LYS A 192 5.25 8.71 3.04
N LEU A 193 6.29 7.91 2.81
CA LEU A 193 7.36 8.31 1.91
C LEU A 193 7.16 7.65 0.55
N PRO A 194 7.23 8.44 -0.53
CA PRO A 194 7.08 7.91 -1.89
C PRO A 194 8.17 6.91 -2.26
N TRP A 195 7.83 5.94 -3.10
CA TRP A 195 8.80 4.99 -3.62
C TRP A 195 9.12 5.30 -5.07
N LEU A 196 10.37 5.05 -5.46
CA LEU A 196 10.80 5.28 -6.83
C LEU A 196 11.00 3.96 -7.55
N TYR A 197 10.48 3.87 -8.78
CA TYR A 197 10.58 2.64 -9.55
C TYR A 197 11.17 2.90 -10.94
N VAL A 198 12.35 2.32 -11.18
CA VAL A 198 12.96 2.36 -12.49
C VAL A 198 12.72 1.03 -13.19
N GLY A 199 11.99 1.08 -14.30
CA GLY A 199 11.61 -0.15 -14.99
C GLY A 199 12.26 -0.35 -16.34
N MET A 200 12.17 -1.58 -16.83
CA MET A 200 12.60 -1.92 -18.17
C MET A 200 11.57 -2.86 -18.77
N CYS A 201 11.78 -3.25 -20.03
CA CYS A 201 10.84 -4.14 -20.70
C CYS A 201 10.68 -5.44 -19.93
N PHE A 202 9.41 -5.77 -19.63
CA PHE A 202 8.99 -7.00 -18.96
C PHE A 202 9.20 -7.03 -17.44
N SER A 203 9.88 -6.03 -16.89
CA SER A 203 10.02 -5.95 -15.43
C SER A 203 8.65 -5.80 -14.80
N SER A 204 8.36 -6.64 -13.80
CA SER A 204 6.98 -6.82 -13.35
C SER A 204 6.75 -6.61 -11.86
N PHE A 205 5.54 -6.18 -11.54
CA PHE A 205 5.07 -6.19 -10.15
C PHE A 205 3.92 -7.18 -10.03
N CYS A 206 4.05 -8.11 -9.10
CA CYS A 206 3.13 -9.23 -8.97
C CYS A 206 1.78 -8.82 -8.38
N TRP A 207 0.83 -9.75 -8.40
CA TRP A 207 -0.49 -9.51 -7.82
C TRP A 207 -0.40 -9.27 -6.33
N HIS A 208 -0.91 -8.12 -5.90
CA HIS A 208 -0.93 -7.78 -4.48
C HIS A 208 -1.94 -6.69 -4.18
N ILE A 209 -2.18 -6.47 -2.89
CA ILE A 209 -2.92 -5.31 -2.42
C ILE A 209 -2.03 -4.50 -1.49
N GLU A 210 -2.32 -3.21 -1.37
CA GLU A 210 -1.50 -2.34 -0.55
C GLU A 210 -1.68 -2.64 0.93
N ASP A 211 -0.69 -2.24 1.73
CA ASP A 211 -0.73 -2.47 3.17
C ASP A 211 -1.94 -1.79 3.81
N HIS A 212 -2.61 -2.51 4.70
CA HIS A 212 -3.79 -2.03 5.41
C HIS A 212 -4.91 -1.61 4.46
N TRP A 213 -4.94 -2.22 3.29
CA TRP A 213 -5.93 -1.95 2.25
C TRP A 213 -6.02 -0.47 1.92
N SER A 214 -4.87 0.20 1.92
CA SER A 214 -4.82 1.62 1.65
C SER A 214 -4.92 1.91 0.16
N TYR A 215 -5.20 3.16 -0.18
CA TYR A 215 -5.07 3.62 -1.55
C TYR A 215 -3.61 3.63 -1.95
N SER A 216 -3.37 3.67 -3.26
CA SER A 216 -2.04 4.04 -3.77
C SER A 216 -2.24 4.93 -4.98
N ILE A 217 -1.32 5.87 -5.17
CA ILE A 217 -1.34 6.71 -6.36
C ILE A 217 0.03 6.62 -7.02
N ASN A 218 0.03 6.35 -8.32
N ASN A 218 0.03 6.40 -8.33
CA ASN A 218 1.27 6.18 -9.07
CA ASN A 218 1.27 6.18 -9.07
C ASN A 218 1.39 7.22 -10.18
C ASN A 218 1.42 7.16 -10.23
N TYR A 219 2.57 7.82 -10.28
CA TYR A 219 2.83 8.78 -11.35
C TYR A 219 4.02 8.34 -12.20
N LEU A 220 3.80 8.23 -13.51
CA LEU A 220 4.88 7.90 -14.43
C LEU A 220 5.52 9.20 -14.92
N HIS A 221 6.70 9.50 -14.38
CA HIS A 221 7.39 10.74 -14.71
C HIS A 221 7.78 10.81 -16.18
N TRP A 222 8.42 9.76 -16.68
CA TRP A 222 8.82 9.69 -18.07
C TRP A 222 9.12 8.26 -18.49
N GLY A 223 9.35 8.06 -19.78
CA GLY A 223 9.70 6.76 -20.31
C GLY A 223 8.56 6.08 -21.02
N GLU A 224 8.77 4.81 -21.36
CA GLU A 224 7.78 4.02 -22.06
C GLU A 224 6.69 3.57 -21.07
N PRO A 225 5.48 3.26 -21.58
CA PRO A 225 4.32 3.03 -20.70
C PRO A 225 4.46 1.89 -19.69
N LYS A 226 3.58 1.92 -18.70
CA LYS A 226 3.48 0.87 -17.70
C LYS A 226 2.10 0.21 -17.82
N THR A 227 2.09 -1.10 -18.02
CA THR A 227 0.83 -1.82 -18.21
C THR A 227 0.27 -2.31 -16.88
N TRP A 228 -0.99 -1.98 -16.60
CA TRP A 228 -1.63 -2.35 -15.34
C TRP A 228 -2.76 -3.34 -15.53
N TYR A 229 -2.96 -4.20 -14.53
CA TYR A 229 -4.17 -5.01 -14.44
C TYR A 229 -4.78 -4.83 -13.07
N GLY A 230 -6.09 -4.60 -13.02
CA GLY A 230 -6.74 -4.27 -11.77
C GLY A 230 -8.00 -5.06 -11.49
N VAL A 231 -8.23 -5.32 -10.20
CA VAL A 231 -9.40 -6.06 -9.75
C VAL A 231 -10.11 -5.27 -8.64
N PRO A 232 -11.43 -5.08 -8.76
CA PRO A 232 -12.18 -4.32 -7.76
C PRO A 232 -12.11 -4.94 -6.36
N GLY A 233 -12.29 -4.12 -5.33
CA GLY A 233 -12.17 -4.56 -3.96
C GLY A 233 -13.12 -5.67 -3.56
N TYR A 234 -14.31 -5.68 -4.15
CA TYR A 234 -15.33 -6.66 -3.76
C TYR A 234 -14.99 -8.06 -4.25
N ALA A 235 -14.03 -8.17 -5.16
CA ALA A 235 -13.68 -9.46 -5.75
C ALA A 235 -12.36 -10.00 -5.23
N ALA A 236 -11.85 -9.39 -4.16
CA ALA A 236 -10.54 -9.74 -3.62
C ALA A 236 -10.47 -11.18 -3.12
N GLU A 237 -11.46 -11.58 -2.34
CA GLU A 237 -11.48 -12.93 -1.78
C GLU A 237 -11.74 -13.96 -2.87
N GLN A 238 -12.47 -13.55 -3.91
CA GLN A 238 -12.71 -14.41 -5.06
C GLN A 238 -11.40 -14.69 -5.78
N LEU A 239 -10.59 -13.65 -5.95
CA LEU A 239 -9.28 -13.79 -6.57
C LEU A 239 -8.37 -14.68 -5.74
N GLU A 240 -8.40 -14.46 -4.43
CA GLU A 240 -7.53 -15.19 -3.52
C GLU A 240 -7.83 -16.69 -3.52
N ASN A 241 -9.11 -17.03 -3.62
CA ASN A 241 -9.51 -18.44 -3.71
C ASN A 241 -9.02 -19.08 -4.99
N VAL A 242 -8.99 -18.32 -6.07
CA VAL A 242 -8.49 -18.80 -7.34
C VAL A 242 -6.99 -19.07 -7.28
N MET A 243 -6.25 -18.12 -6.70
CA MET A 243 -4.80 -18.23 -6.62
C MET A 243 -4.36 -19.28 -5.60
N LYS A 244 -5.16 -19.44 -4.54
CA LYS A 244 -4.87 -20.44 -3.51
C LYS A 244 -4.94 -21.85 -4.08
N LYS A 245 -5.79 -22.03 -5.08
CA LYS A 245 -5.97 -23.35 -5.69
C LYS A 245 -4.90 -23.62 -6.74
N LEU A 246 -4.31 -22.57 -7.28
CA LEU A 246 -3.30 -22.70 -8.32
C LEU A 246 -1.88 -22.51 -7.79
N ALA A 247 -1.74 -21.77 -6.70
CA ALA A 247 -0.43 -21.54 -6.10
C ALA A 247 -0.51 -21.52 -4.57
N PRO A 248 -0.63 -22.71 -3.96
CA PRO A 248 -0.81 -22.83 -2.50
C PRO A 248 0.39 -22.34 -1.70
N GLU A 249 1.56 -22.25 -2.33
CA GLU A 249 2.78 -21.83 -1.64
C GLU A 249 2.67 -20.39 -1.11
N LEU A 250 1.87 -19.58 -1.77
CA LEU A 250 1.76 -18.17 -1.44
C LEU A 250 0.90 -17.92 -0.21
N PHE A 251 0.29 -18.97 0.32
CA PHE A 251 -0.71 -18.81 1.38
C PHE A 251 -0.31 -19.50 2.68
N VAL A 252 0.90 -20.04 2.71
CA VAL A 252 1.46 -20.55 3.95
C VAL A 252 1.95 -19.37 4.78
N SER A 253 1.87 -19.48 6.11
CA SER A 253 2.25 -18.38 6.99
C SER A 253 3.75 -18.11 6.92
N GLN A 254 4.11 -16.85 7.13
CA GLN A 254 5.50 -16.41 7.04
C GLN A 254 5.96 -15.77 8.35
N PRO A 255 7.28 -15.85 8.64
CA PRO A 255 7.82 -15.32 9.89
C PRO A 255 7.64 -13.80 10.05
N ASP A 256 7.56 -13.08 8.94
CA ASP A 256 7.35 -11.63 8.99
C ASP A 256 6.84 -11.08 7.67
N LEU A 257 6.78 -9.75 7.58
CA LEU A 257 6.33 -9.07 6.37
C LEU A 257 7.34 -9.17 5.25
N LEU A 258 8.61 -9.32 5.61
CA LEU A 258 9.69 -9.38 4.63
C LEU A 258 9.70 -10.70 3.86
N HIS A 259 8.88 -11.64 4.31
CA HIS A 259 8.88 -12.99 3.71
C HIS A 259 7.58 -13.34 3.00
N GLN A 260 6.66 -12.38 2.88
CA GLN A 260 5.39 -12.65 2.21
C GLN A 260 5.61 -12.88 0.72
N LEU A 261 4.87 -13.84 0.16
CA LEU A 261 5.08 -14.26 -1.22
C LEU A 261 3.97 -13.80 -2.16
N VAL A 262 4.36 -13.40 -3.36
CA VAL A 262 3.42 -12.98 -4.40
C VAL A 262 3.82 -13.63 -5.73
N THR A 263 2.99 -13.48 -6.76
CA THR A 263 3.33 -14.08 -8.05
C THR A 263 2.68 -13.41 -9.26
N ILE A 264 3.22 -13.77 -10.43
CA ILE A 264 2.65 -13.37 -11.71
C ILE A 264 1.57 -14.34 -12.13
N MET A 265 0.42 -13.83 -12.55
CA MET A 265 -0.65 -14.69 -13.05
C MET A 265 -1.43 -14.02 -14.16
N ASN A 266 -1.64 -14.77 -15.25
CA ASN A 266 -2.42 -14.31 -16.39
C ASN A 266 -3.83 -13.88 -15.97
N PRO A 267 -4.21 -12.64 -16.31
CA PRO A 267 -5.56 -12.14 -15.98
C PRO A 267 -6.66 -12.96 -16.62
N ASN A 268 -6.39 -13.58 -17.77
CA ASN A 268 -7.36 -14.45 -18.42
C ASN A 268 -7.74 -15.63 -17.53
N THR A 269 -6.79 -16.10 -16.74
CA THR A 269 -7.04 -17.19 -15.80
C THR A 269 -8.05 -16.74 -14.73
N LEU A 270 -7.88 -15.50 -14.26
CA LEU A 270 -8.82 -14.93 -13.31
C LEU A 270 -10.19 -14.72 -13.94
N MET A 271 -10.18 -14.19 -15.17
CA MET A 271 -11.42 -13.92 -15.89
C MET A 271 -12.19 -15.21 -16.19
N THR A 272 -11.45 -16.28 -16.45
CA THR A 272 -12.06 -17.59 -16.69
C THR A 272 -12.82 -18.05 -15.45
N HIS A 273 -12.30 -17.71 -14.28
CA HIS A 273 -12.95 -18.04 -13.02
C HIS A 273 -13.84 -16.90 -12.54
N GLU A 274 -14.31 -16.10 -13.50
CA GLU A 274 -15.29 -15.05 -13.25
C GLU A 274 -14.82 -13.97 -12.27
N VAL A 275 -13.52 -13.70 -12.27
CA VAL A 275 -12.98 -12.57 -11.55
C VAL A 275 -12.85 -11.38 -12.50
N PRO A 276 -13.55 -10.27 -12.19
CA PRO A 276 -13.49 -9.09 -13.05
C PRO A 276 -12.11 -8.46 -13.07
N VAL A 277 -11.51 -8.36 -14.25
CA VAL A 277 -10.19 -7.76 -14.40
C VAL A 277 -10.24 -6.62 -15.42
N TYR A 278 -9.57 -5.52 -15.09
CA TYR A 278 -9.48 -4.40 -16.02
C TYR A 278 -8.02 -4.05 -16.28
N ARG A 279 -7.76 -3.45 -17.44
CA ARG A 279 -6.40 -3.12 -17.83
C ARG A 279 -6.26 -1.64 -18.19
N THR A 280 -5.02 -1.19 -18.29
CA THR A 280 -4.71 0.11 -18.86
C THR A 280 -3.23 0.23 -19.18
N ASN A 281 -2.92 1.10 -20.13
CA ASN A 281 -1.54 1.48 -20.40
C ASN A 281 -1.28 2.87 -19.82
N GLN A 282 -0.54 2.92 -18.72
CA GLN A 282 -0.18 4.20 -18.11
C GLN A 282 0.97 4.83 -18.88
N CYS A 283 0.72 6.00 -19.45
CA CYS A 283 1.75 6.71 -20.19
C CYS A 283 2.38 7.80 -19.34
N ALA A 284 3.51 8.33 -19.81
CA ALA A 284 4.23 9.38 -19.10
C ALA A 284 3.34 10.59 -18.85
N GLY A 285 3.32 11.07 -17.61
CA GLY A 285 2.52 12.23 -17.24
C GLY A 285 1.13 11.87 -16.77
N GLU A 286 0.84 10.57 -16.68
CA GLU A 286 -0.48 10.13 -16.24
C GLU A 286 -0.45 9.46 -14.86
N PHE A 287 -1.54 9.61 -14.13
CA PHE A 287 -1.69 8.98 -12.81
C PHE A 287 -2.49 7.68 -12.89
N VAL A 288 -2.09 6.71 -12.09
CA VAL A 288 -2.91 5.53 -11.84
C VAL A 288 -3.24 5.49 -10.35
N ILE A 289 -4.51 5.27 -10.03
CA ILE A 289 -4.94 5.18 -8.64
C ILE A 289 -5.52 3.80 -8.33
N THR A 290 -5.01 3.16 -7.29
CA THR A 290 -5.55 1.89 -6.84
C THR A 290 -6.39 2.11 -5.59
N PHE A 291 -7.53 1.45 -5.53
CA PHE A 291 -8.48 1.65 -4.44
C PHE A 291 -8.31 0.59 -3.36
N PRO A 292 -8.92 0.80 -2.17
CA PRO A 292 -8.79 -0.17 -1.08
C PRO A 292 -9.12 -1.61 -1.46
N ARG A 293 -8.22 -2.54 -1.11
N ARG A 293 -8.23 -2.53 -1.09
CA ARG A 293 -8.43 -3.97 -1.32
CA ARG A 293 -8.38 -3.98 -1.34
C ARG A 293 -8.52 -4.29 -2.83
C ARG A 293 -8.52 -4.28 -2.83
N ALA A 294 -8.01 -3.39 -3.67
CA ALA A 294 -8.01 -3.63 -5.10
C ALA A 294 -6.72 -4.34 -5.52
N TYR A 295 -6.84 -5.62 -5.83
CA TYR A 295 -5.69 -6.39 -6.32
C TYR A 295 -5.22 -5.83 -7.66
N HIS A 296 -3.91 -5.77 -7.84
CA HIS A 296 -3.34 -5.28 -9.09
C HIS A 296 -1.96 -5.86 -9.37
N SER A 297 -1.62 -5.89 -10.65
CA SER A 297 -0.31 -6.36 -11.10
C SER A 297 0.00 -5.70 -12.43
N GLY A 298 1.19 -5.97 -12.96
CA GLY A 298 1.55 -5.42 -14.26
C GLY A 298 3.01 -5.54 -14.62
N PHE A 299 3.39 -4.85 -15.68
CA PHE A 299 4.75 -4.88 -16.19
C PHE A 299 5.04 -3.60 -16.97
N ASN A 300 6.31 -3.29 -17.16
CA ASN A 300 6.70 -2.11 -17.91
C ASN A 300 6.94 -2.43 -19.38
N GLN A 301 6.55 -1.50 -20.24
CA GLN A 301 6.73 -1.65 -21.69
C GLN A 301 8.18 -1.42 -22.06
N GLY A 302 8.88 -0.64 -21.24
CA GLY A 302 10.25 -0.29 -21.51
C GLY A 302 10.90 0.50 -20.39
N PHE A 303 12.02 1.14 -20.72
CA PHE A 303 12.76 1.96 -19.77
C PHE A 303 11.90 3.15 -19.33
N ASN A 304 11.60 3.21 -18.04
CA ASN A 304 10.80 4.29 -17.50
C ASN A 304 11.11 4.60 -16.04
N PHE A 305 10.46 5.64 -15.52
CA PHE A 305 10.69 6.10 -14.16
C PHE A 305 9.37 6.50 -13.51
N ALA A 306 9.00 5.78 -12.45
CA ALA A 306 7.73 6.01 -11.79
C ALA A 306 7.90 6.34 -10.31
N GLU A 307 6.89 6.99 -9.75
CA GLU A 307 6.88 7.33 -8.33
C GLU A 307 5.51 7.04 -7.76
N ALA A 308 5.48 6.42 -6.58
CA ALA A 308 4.21 6.00 -5.99
C ALA A 308 4.18 6.21 -4.48
N VAL A 309 2.99 6.44 -3.95
CA VAL A 309 2.83 6.61 -2.50
C VAL A 309 1.45 6.12 -2.06
N ASN A 310 1.39 5.56 -0.86
CA ASN A 310 0.11 5.16 -0.27
C ASN A 310 -0.56 6.35 0.38
N PHE A 311 -1.88 6.29 0.50
CA PHE A 311 -2.62 7.29 1.27
C PHE A 311 -3.95 6.74 1.74
N CYS A 312 -4.52 7.40 2.75
CA CYS A 312 -5.75 6.94 3.38
C CYS A 312 -6.73 8.08 3.58
N THR A 313 -7.90 7.97 2.97
CA THR A 313 -8.93 8.99 3.09
C THR A 313 -9.89 8.65 4.22
N VAL A 314 -10.90 9.49 4.42
CA VAL A 314 -11.91 9.22 5.44
C VAL A 314 -12.79 8.06 5.04
N ASP A 315 -12.90 7.82 3.73
CA ASP A 315 -13.67 6.70 3.21
C ASP A 315 -13.01 5.38 3.58
N TRP A 316 -11.70 5.42 3.79
CA TRP A 316 -10.90 4.23 4.04
C TRP A 316 -10.95 3.76 5.49
N LEU A 317 -11.18 4.69 6.42
CA LEU A 317 -11.09 4.40 7.85
C LEU A 317 -11.82 3.13 8.32
N PRO A 318 -13.11 2.96 7.96
CA PRO A 318 -13.74 1.72 8.41
C PRO A 318 -13.15 0.47 7.74
N LEU A 319 -12.65 0.63 6.52
CA LEU A 319 -12.00 -0.48 5.82
C LEU A 319 -10.67 -0.82 6.48
N GLY A 320 -10.01 0.21 7.02
CA GLY A 320 -8.75 0.02 7.71
C GLY A 320 -8.91 -0.83 8.96
N ARG A 321 -10.05 -0.66 9.64
CA ARG A 321 -10.35 -1.46 10.82
C ARG A 321 -10.67 -2.90 10.43
N GLN A 322 -11.43 -3.05 9.35
CA GLN A 322 -11.76 -4.38 8.84
C GLN A 322 -10.50 -5.14 8.44
N CYS A 323 -9.54 -4.43 7.87
CA CYS A 323 -8.30 -5.03 7.41
C CYS A 323 -7.49 -5.62 8.56
N VAL A 324 -7.34 -4.84 9.63
CA VAL A 324 -6.62 -5.29 10.81
C VAL A 324 -7.29 -6.52 11.42
N GLU A 325 -8.62 -6.54 11.38
CA GLU A 325 -9.37 -7.71 11.80
C GLU A 325 -9.05 -8.89 10.90
N HIS A 326 -8.97 -8.63 9.60
CA HIS A 326 -8.64 -9.68 8.64
C HIS A 326 -7.22 -10.18 8.83
N TYR A 327 -6.30 -9.26 9.12
CA TYR A 327 -4.93 -9.61 9.45
C TYR A 327 -4.89 -10.54 10.66
N ARG A 328 -5.75 -10.25 11.63
CA ARG A 328 -5.82 -11.03 12.86
CA ARG A 328 -5.80 -11.04 12.86
C ARG A 328 -6.19 -12.49 12.57
N LEU A 329 -7.20 -12.68 11.73
CA LEU A 329 -7.65 -14.02 11.35
C LEU A 329 -6.58 -14.78 10.60
N LEU A 330 -5.74 -14.06 9.87
CA LEU A 330 -4.73 -14.66 9.02
C LEU A 330 -3.39 -14.81 9.72
N HIS A 331 -3.32 -14.29 10.95
CA HIS A 331 -2.07 -14.22 11.70
C HIS A 331 -1.01 -13.44 10.91
N ARG A 332 -1.45 -12.42 10.20
CA ARG A 332 -0.56 -11.58 9.40
C ARG A 332 -0.12 -10.35 10.18
N TYR A 333 1.15 -10.00 10.06
CA TYR A 333 1.71 -8.86 10.77
C TYR A 333 1.15 -7.53 10.26
N CYS A 334 1.00 -6.58 11.18
CA CYS A 334 0.56 -5.23 10.82
C CYS A 334 1.75 -4.34 10.52
N VAL A 335 1.52 -3.29 9.74
CA VAL A 335 2.54 -2.27 9.52
C VAL A 335 2.48 -1.28 10.67
N PHE A 336 1.26 -0.99 11.11
CA PHE A 336 1.03 -0.11 12.25
C PHE A 336 -0.24 -0.49 12.99
N SER A 337 -0.44 0.09 14.17
CA SER A 337 -1.65 -0.10 14.94
C SER A 337 -2.73 0.88 14.51
N HIS A 338 -3.85 0.35 14.03
CA HIS A 338 -4.97 1.18 13.60
C HIS A 338 -5.55 1.97 14.76
N ASP A 339 -5.70 1.31 15.91
CA ASP A 339 -6.25 1.95 17.10
C ASP A 339 -5.35 3.07 17.62
N GLU A 340 -4.04 2.87 17.51
CA GLU A 340 -3.08 3.89 17.94
C GLU A 340 -3.22 5.13 17.08
N MET A 341 -3.40 4.92 15.79
CA MET A 341 -3.62 6.01 14.85
C MET A 341 -4.87 6.80 15.22
N ILE A 342 -5.96 6.09 15.49
CA ILE A 342 -7.23 6.70 15.86
C ILE A 342 -7.11 7.54 17.13
N CYS A 343 -6.48 6.96 18.15
CA CYS A 343 -6.33 7.66 19.43
C CYS A 343 -5.39 8.86 19.31
N LYS A 344 -4.43 8.76 18.41
CA LYS A 344 -3.51 9.87 18.13
C LYS A 344 -4.29 11.04 17.53
N MET A 345 -5.16 10.74 16.59
CA MET A 345 -5.98 11.76 15.95
C MET A 345 -6.94 12.38 16.96
N ALA A 346 -7.48 11.54 17.85
CA ALA A 346 -8.37 12.01 18.90
C ALA A 346 -7.66 13.00 19.81
N SER A 347 -6.38 12.75 20.07
CA SER A 347 -5.58 13.64 20.92
C SER A 347 -5.24 14.93 20.19
N LYS A 348 -5.53 14.98 18.90
CA LYS A 348 -5.29 16.17 18.09
C LYS A 348 -6.59 16.71 17.51
N ALA A 349 -7.69 16.47 18.22
CA ALA A 349 -9.03 16.78 17.71
C ALA A 349 -9.21 18.24 17.32
N ASP A 350 -8.64 19.14 18.10
CA ASP A 350 -8.84 20.57 17.89
C ASP A 350 -8.25 21.10 16.59
N VAL A 351 -7.30 20.36 16.01
CA VAL A 351 -6.64 20.81 14.79
C VAL A 351 -6.97 19.92 13.59
N LEU A 352 -7.94 19.02 13.77
CA LEU A 352 -8.36 18.14 12.67
C LEU A 352 -9.35 18.83 11.75
N ASP A 353 -9.34 18.42 10.48
CA ASP A 353 -10.40 18.80 9.55
C ASP A 353 -11.72 18.29 10.11
N VAL A 354 -12.78 19.07 9.94
CA VAL A 354 -14.05 18.76 10.60
C VAL A 354 -14.69 17.46 10.09
N VAL A 355 -14.55 17.18 8.80
CA VAL A 355 -15.09 15.95 8.24
C VAL A 355 -14.26 14.76 8.73
N VAL A 356 -12.96 14.97 8.82
CA VAL A 356 -12.05 13.97 9.36
C VAL A 356 -12.40 13.61 10.80
N ALA A 357 -12.61 14.65 11.61
CA ALA A 357 -12.98 14.47 13.01
C ALA A 357 -14.26 13.67 13.15
N SER A 358 -15.22 13.95 12.28
CA SER A 358 -16.50 13.25 12.28
C SER A 358 -16.34 11.77 11.97
N THR A 359 -15.49 11.47 10.98
CA THR A 359 -15.27 10.10 10.56
C THR A 359 -14.49 9.31 11.60
N VAL A 360 -13.49 9.95 12.20
CA VAL A 360 -12.70 9.33 13.25
C VAL A 360 -13.57 9.03 14.47
N GLN A 361 -14.49 9.93 14.76
CA GLN A 361 -15.43 9.76 15.87
C GLN A 361 -16.23 8.47 15.72
N LYS A 362 -16.71 8.21 14.51
CA LYS A 362 -17.52 7.03 14.24
C LYS A 362 -16.72 5.74 14.43
N ASP A 363 -15.48 5.74 13.96
CA ASP A 363 -14.62 4.57 14.10
C ASP A 363 -14.25 4.35 15.56
N MET A 364 -14.03 5.44 16.29
CA MET A 364 -13.64 5.35 17.69
C MET A 364 -14.77 4.78 18.53
N ALA A 365 -16.01 5.11 18.18
CA ALA A 365 -17.18 4.58 18.87
C ALA A 365 -17.23 3.07 18.75
N ILE A 366 -16.91 2.56 17.57
CA ILE A 366 -16.86 1.14 17.32
C ILE A 366 -15.71 0.51 18.12
N MET A 367 -14.57 1.18 18.10
CA MET A 367 -13.39 0.72 18.84
C MET A 367 -13.68 0.56 20.33
N ILE A 368 -14.31 1.56 20.92
CA ILE A 368 -14.59 1.58 22.34
C ILE A 368 -15.58 0.48 22.74
N GLU A 369 -16.63 0.30 21.95
CA GLU A 369 -17.62 -0.72 22.24
C GLU A 369 -17.05 -2.13 22.11
N ASP A 370 -16.18 -2.33 21.12
CA ASP A 370 -15.50 -3.61 20.96
C ASP A 370 -14.56 -3.86 22.13
N GLU A 371 -13.84 -2.82 22.53
CA GLU A 371 -12.89 -2.93 23.64
C GLU A 371 -13.63 -3.20 24.95
N LYS A 372 -14.80 -2.59 25.09
CA LYS A 372 -15.64 -2.77 26.27
C LYS A 372 -16.04 -4.23 26.43
N ALA A 373 -16.48 -4.85 25.34
CA ALA A 373 -16.91 -6.24 25.35
C ALA A 373 -15.73 -7.18 25.59
N LEU A 374 -14.59 -6.87 24.99
CA LEU A 374 -13.40 -7.71 25.11
C LEU A 374 -12.88 -7.74 26.55
N ARG A 375 -12.89 -6.59 27.22
CA ARG A 375 -12.42 -6.51 28.59
C ARG A 375 -13.35 -7.23 29.56
N GLU A 376 -14.64 -7.19 29.26
CA GLU A 376 -15.62 -7.92 30.07
C GLU A 376 -15.42 -9.42 29.93
N THR A 377 -15.09 -9.85 28.71
CA THR A 377 -14.86 -11.26 28.44
C THR A 377 -13.65 -11.80 29.20
N VAL A 378 -12.53 -11.09 29.14
CA VAL A 378 -11.31 -11.54 29.79
C VAL A 378 -11.42 -11.47 31.31
N ARG A 379 -12.28 -10.58 31.81
CA ARG A 379 -12.53 -10.49 33.25
C ARG A 379 -13.27 -11.74 33.72
N LYS A 380 -14.17 -12.22 32.89
CA LYS A 380 -14.93 -13.43 33.21
C LYS A 380 -14.08 -14.68 33.05
N LEU A 381 -12.93 -14.52 32.41
CA LEU A 381 -11.98 -15.63 32.26
C LEU A 381 -11.08 -15.74 33.48
N GLY A 382 -11.15 -14.76 34.37
CA GLY A 382 -10.42 -14.82 35.62
C GLY A 382 -9.28 -13.81 35.73
N VAL A 383 -9.07 -13.03 34.68
CA VAL A 383 -8.05 -11.98 34.71
C VAL A 383 -8.57 -10.80 35.52
N ILE A 384 -7.94 -10.55 36.66
CA ILE A 384 -8.42 -9.53 37.59
C ILE A 384 -7.46 -8.36 37.71
N ASP A 385 -6.17 -8.65 37.87
CA ASP A 385 -5.17 -7.62 38.04
C ASP A 385 -4.95 -6.83 36.74
N SER A 386 -4.61 -5.56 36.87
CA SER A 386 -4.39 -4.71 35.70
C SER A 386 -3.45 -3.56 35.99
N GLU A 387 -2.84 -3.02 34.94
CA GLU A 387 -1.99 -1.84 35.05
C GLU A 387 -1.93 -1.12 33.71
N ARG A 388 -1.94 0.21 33.75
CA ARG A 388 -1.81 1.02 32.54
C ARG A 388 -0.47 0.76 31.89
N MET A 389 -0.45 0.73 30.56
CA MET A 389 0.80 0.53 29.83
C MET A 389 0.83 1.35 28.54
N ASP A 390 1.91 2.11 28.36
CA ASP A 390 2.08 2.91 27.16
C ASP A 390 2.63 2.08 26.01
N PHE A 391 1.72 1.41 25.30
CA PHE A 391 2.10 0.51 24.20
C PHE A 391 2.92 1.21 23.11
N GLU A 392 2.65 2.50 22.88
CA GLU A 392 3.28 3.22 21.78
C GLU A 392 4.78 3.39 21.98
N LEU A 393 5.25 3.17 23.21
CA LEU A 393 6.67 3.29 23.52
C LEU A 393 7.45 2.02 23.16
N LEU A 394 6.73 0.92 23.05
CA LEU A 394 7.36 -0.35 22.71
C LEU A 394 7.62 -0.46 21.21
N PRO A 395 8.78 -1.01 20.83
CA PRO A 395 9.02 -1.38 19.43
C PRO A 395 7.96 -2.37 18.96
N ASP A 396 7.62 -2.33 17.67
CA ASP A 396 6.53 -3.15 17.14
C ASP A 396 6.68 -4.63 17.46
N ASP A 397 7.90 -5.16 17.32
CA ASP A 397 8.13 -6.58 17.53
C ASP A 397 8.09 -6.97 19.01
N GLU A 398 7.93 -5.97 19.88
CA GLU A 398 7.83 -6.22 21.32
C GLU A 398 6.40 -6.11 21.84
N ARG A 399 5.46 -5.88 20.93
CA ARG A 399 4.06 -5.81 21.33
C ARG A 399 3.13 -6.47 20.31
N GLN A 400 3.60 -7.57 19.73
CA GLN A 400 2.77 -8.37 18.83
C GLN A 400 2.15 -9.52 19.61
N CYS A 401 0.89 -9.84 19.30
CA CYS A 401 0.24 -10.99 19.91
C CYS A 401 0.94 -12.28 19.49
N VAL A 402 1.29 -13.11 20.46
CA VAL A 402 2.00 -14.36 20.20
C VAL A 402 1.24 -15.22 19.20
N LYS A 403 -0.09 -15.19 19.28
CA LYS A 403 -0.92 -16.03 18.43
C LYS A 403 -1.18 -15.43 17.05
N CYS A 404 -1.80 -14.25 17.01
CA CYS A 404 -2.27 -13.68 15.74
C CYS A 404 -1.38 -12.58 15.19
N LYS A 405 -0.29 -12.29 15.89
CA LYS A 405 0.73 -11.35 15.43
C LYS A 405 0.26 -9.90 15.30
N THR A 406 -0.93 -9.60 15.80
CA THR A 406 -1.46 -8.24 15.71
C THR A 406 -0.65 -7.29 16.60
N THR A 407 -0.56 -6.03 16.17
CA THR A 407 0.12 -5.02 16.96
C THR A 407 -0.82 -4.47 18.03
N CYS A 408 -0.50 -4.75 19.29
CA CYS A 408 -1.36 -4.34 20.40
C CYS A 408 -1.21 -2.85 20.71
N PHE A 409 -2.31 -2.23 21.13
CA PHE A 409 -2.26 -0.85 21.62
C PHE A 409 -3.30 -0.59 22.70
N MET A 410 -4.56 -0.94 22.41
CA MET A 410 -5.64 -0.71 23.35
C MET A 410 -5.42 -1.55 24.61
N SER A 411 -5.12 -2.83 24.42
CA SER A 411 -4.90 -3.73 25.55
C SER A 411 -4.20 -5.03 25.16
N ALA A 412 -3.66 -5.69 26.17
CA ALA A 412 -3.02 -7.00 25.99
C ALA A 412 -2.97 -7.73 27.33
N ILE A 413 -2.70 -9.03 27.28
CA ILE A 413 -2.54 -9.82 28.49
C ILE A 413 -1.09 -10.25 28.67
N SER A 414 -0.58 -10.11 29.88
CA SER A 414 0.79 -10.51 30.18
C SER A 414 0.81 -11.48 31.35
N CYS A 415 1.94 -12.17 31.54
CA CYS A 415 2.15 -13.03 32.68
C CYS A 415 3.63 -13.05 33.04
N SER A 416 3.91 -13.01 34.34
CA SER A 416 5.29 -12.98 34.82
C SER A 416 6.06 -14.25 34.48
N CYS A 417 5.34 -15.28 34.04
CA CYS A 417 5.95 -16.55 33.67
C CYS A 417 6.56 -16.47 32.27
N LYS A 418 5.98 -15.63 31.42
CA LYS A 418 6.55 -15.36 30.11
C LYS A 418 6.87 -13.88 29.96
N PRO A 419 7.99 -13.44 30.56
CA PRO A 419 8.37 -12.02 30.57
C PRO A 419 8.55 -11.45 29.17
N GLY A 420 7.82 -10.39 28.87
CA GLY A 420 7.94 -9.73 27.58
C GLY A 420 6.90 -10.18 26.56
N LEU A 421 6.33 -11.37 26.79
CA LEU A 421 5.33 -11.90 25.86
C LEU A 421 3.95 -11.31 26.10
N LEU A 422 3.23 -11.10 25.01
CA LEU A 422 1.88 -10.54 25.06
C LEU A 422 0.92 -11.30 24.14
N VAL A 423 -0.34 -11.32 24.52
CA VAL A 423 -1.41 -11.77 23.63
C VAL A 423 -2.51 -10.72 23.64
N CYS A 424 -3.18 -10.55 22.51
CA CYS A 424 -4.32 -9.64 22.46
C CYS A 424 -5.48 -10.30 23.20
N LEU A 425 -6.56 -9.55 23.43
CA LEU A 425 -7.64 -10.05 24.26
C LEU A 425 -8.46 -11.15 23.59
N HIS A 426 -8.19 -11.40 22.30
CA HIS A 426 -8.85 -12.49 21.59
C HIS A 426 -8.18 -13.82 21.89
N HIS A 427 -6.95 -13.78 22.39
CA HIS A 427 -6.15 -14.99 22.54
C HIS A 427 -5.53 -15.12 23.92
N VAL A 428 -6.33 -14.88 24.95
CA VAL A 428 -5.90 -14.99 26.33
C VAL A 428 -5.41 -16.40 26.67
N LYS A 429 -6.01 -17.40 26.03
CA LYS A 429 -5.70 -18.79 26.31
C LYS A 429 -4.44 -19.27 25.60
N GLU A 430 -3.75 -18.37 24.91
CA GLU A 430 -2.60 -18.74 24.10
C GLU A 430 -1.26 -18.28 24.68
N LEU A 431 -1.31 -17.60 25.82
CA LEU A 431 -0.11 -17.01 26.40
C LEU A 431 0.76 -18.06 27.10
N CYS A 432 0.19 -18.75 28.08
CA CYS A 432 0.93 -19.76 28.82
C CYS A 432 0.00 -20.74 29.52
N SER A 433 0.57 -21.65 30.30
CA SER A 433 -0.20 -22.72 30.94
C SER A 433 -0.66 -22.36 32.35
N CYS A 434 -0.32 -21.16 32.79
CA CYS A 434 -0.63 -20.73 34.15
C CYS A 434 -2.05 -20.16 34.26
N PRO A 435 -2.68 -20.32 35.43
CA PRO A 435 -4.05 -19.85 35.66
C PRO A 435 -4.19 -18.33 35.51
N PRO A 436 -5.32 -17.89 34.92
CA PRO A 436 -5.63 -16.49 34.59
C PRO A 436 -5.45 -15.48 35.72
N TYR A 437 -5.49 -15.89 36.98
CA TYR A 437 -5.33 -14.93 38.06
C TYR A 437 -3.87 -14.48 38.19
N LYS A 438 -2.98 -15.21 37.52
CA LYS A 438 -1.57 -14.83 37.47
C LYS A 438 -1.33 -13.81 36.36
N TYR A 439 -2.37 -13.55 35.57
CA TYR A 439 -2.25 -12.65 34.43
C TYR A 439 -2.52 -11.19 34.80
N LYS A 440 -2.02 -10.29 33.98
CA LYS A 440 -2.32 -8.87 34.12
C LYS A 440 -2.93 -8.33 32.83
N LEU A 441 -4.01 -7.55 32.97
CA LEU A 441 -4.53 -6.80 31.84
C LEU A 441 -3.75 -5.51 31.68
N ARG A 442 -2.97 -5.43 30.61
CA ARG A 442 -2.24 -4.20 30.31
CA ARG A 442 -2.24 -4.21 30.30
C ARG A 442 -3.05 -3.35 29.34
N TYR A 443 -3.42 -2.15 29.78
CA TYR A 443 -4.28 -1.27 28.99
C TYR A 443 -3.69 0.12 28.79
N ARG A 444 -3.99 0.73 27.65
CA ARG A 444 -3.53 2.09 27.38
C ARG A 444 -4.43 3.12 28.04
N TYR A 445 -5.74 2.96 27.85
CA TYR A 445 -6.71 3.88 28.43
C TYR A 445 -7.80 3.14 29.18
N THR A 446 -8.30 3.75 30.25
CA THR A 446 -9.53 3.28 30.87
C THR A 446 -10.68 3.71 29.97
N LEU A 447 -11.85 3.10 30.14
CA LEU A 447 -13.02 3.49 29.38
C LEU A 447 -13.36 4.95 29.67
N ASP A 448 -13.10 5.38 30.92
CA ASP A 448 -13.37 6.75 31.32
C ASP A 448 -12.40 7.74 30.69
N ASP A 449 -11.27 7.24 30.19
CA ASP A 449 -10.32 8.09 29.47
C ASP A 449 -10.80 8.29 28.04
N LEU A 450 -11.42 7.26 27.48
CA LEU A 450 -11.72 7.21 26.06
C LEU A 450 -12.91 8.06 25.63
N TYR A 451 -13.96 8.08 26.44
CA TYR A 451 -15.17 8.82 26.09
C TYR A 451 -14.96 10.34 25.97
N PRO A 452 -14.17 10.95 26.87
CA PRO A 452 -13.88 12.37 26.64
C PRO A 452 -13.08 12.61 25.36
N MET A 453 -12.21 11.67 24.99
CA MET A 453 -11.44 11.78 23.77
C MET A 453 -12.35 11.77 22.55
N MET A 454 -13.37 10.93 22.59
CA MET A 454 -14.34 10.85 21.50
C MET A 454 -15.25 12.07 21.50
N ASN A 455 -15.52 12.60 22.70
CA ASN A 455 -16.31 13.81 22.83
C ASN A 455 -15.64 15.03 22.20
N ALA A 456 -14.32 15.08 22.33
CA ALA A 456 -13.54 16.16 21.73
C ALA A 456 -13.70 16.15 20.22
N LEU A 457 -13.74 14.94 19.65
CA LEU A 457 -13.95 14.77 18.22
C LEU A 457 -15.34 15.24 17.81
N LYS A 458 -16.33 14.92 18.65
CA LYS A 458 -17.72 15.30 18.38
C LYS A 458 -17.88 16.82 18.35
N LEU A 459 -17.24 17.49 19.31
CA LEU A 459 -17.30 18.95 19.39
C LEU A 459 -16.65 19.60 18.18
N ARG A 460 -15.50 19.08 17.78
CA ARG A 460 -14.79 19.59 16.60
C ARG A 460 -15.62 19.41 15.35
N ALA A 461 -16.27 18.25 15.24
CA ALA A 461 -17.13 17.95 14.10
C ALA A 461 -18.44 18.72 14.21
N GLU A 462 -18.73 19.23 15.40
CA GLU A 462 -19.94 20.01 15.68
C GLU A 462 -21.19 19.21 15.36
#